data_2MRT
# 
_entry.id   2MRT 
# 
_audit_conform.dict_name       mmcif_pdbx.dic 
_audit_conform.dict_version    5.392 
_audit_conform.dict_location   http://mmcif.pdb.org/dictionaries/ascii/mmcif_pdbx.dic 
# 
loop_
_database_2.database_id 
_database_2.database_code 
_database_2.pdbx_database_accession 
_database_2.pdbx_DOI 
PDB   2MRT         pdb_00002mrt 10.2210/pdb2mrt/pdb 
WWPDB D_1000178378 ?            ?                   
# 
loop_
_pdbx_audit_revision_history.ordinal 
_pdbx_audit_revision_history.data_content_type 
_pdbx_audit_revision_history.major_revision 
_pdbx_audit_revision_history.minor_revision 
_pdbx_audit_revision_history.revision_date 
1 'Structure model' 1 0 1991-04-15 
2 'Structure model' 1 1 2008-03-03 
3 'Structure model' 1 2 2011-07-13 
4 'Structure model' 1 3 2022-03-16 
5 'Structure model' 1 4 2024-05-22 
# 
_pdbx_audit_revision_details.ordinal             1 
_pdbx_audit_revision_details.revision_ordinal    1 
_pdbx_audit_revision_details.data_content_type   'Structure model' 
_pdbx_audit_revision_details.provider            repository 
_pdbx_audit_revision_details.type                'Initial release' 
_pdbx_audit_revision_details.description         ? 
_pdbx_audit_revision_details.details             ? 
# 
loop_
_pdbx_audit_revision_group.ordinal 
_pdbx_audit_revision_group.revision_ordinal 
_pdbx_audit_revision_group.data_content_type 
_pdbx_audit_revision_group.group 
1 2 'Structure model' 'Version format compliance' 
2 3 'Structure model' 'Version format compliance' 
3 4 'Structure model' 'Database references'       
4 4 'Structure model' 'Derived calculations'      
5 4 'Structure model' Other                       
6 5 'Structure model' 'Data collection'           
# 
loop_
_pdbx_audit_revision_category.ordinal 
_pdbx_audit_revision_category.revision_ordinal 
_pdbx_audit_revision_category.data_content_type 
_pdbx_audit_revision_category.category 
1 4 'Structure model' database_2             
2 4 'Structure model' pdbx_database_status   
3 4 'Structure model' pdbx_struct_assembly   
4 4 'Structure model' pdbx_struct_conn_angle 
5 4 'Structure model' pdbx_struct_oper_list  
6 4 'Structure model' struct_conn            
7 4 'Structure model' struct_site            
8 5 'Structure model' chem_comp_atom         
9 5 'Structure model' chem_comp_bond         
# 
loop_
_pdbx_audit_revision_item.ordinal 
_pdbx_audit_revision_item.revision_ordinal 
_pdbx_audit_revision_item.data_content_type 
_pdbx_audit_revision_item.item 
1  4 'Structure model' '_database_2.pdbx_DOI'                        
2  4 'Structure model' '_database_2.pdbx_database_accession'         
3  4 'Structure model' '_pdbx_database_status.process_site'          
4  4 'Structure model' '_pdbx_struct_conn_angle.ptnr1_auth_seq_id'   
5  4 'Structure model' '_pdbx_struct_conn_angle.ptnr1_label_seq_id'  
6  4 'Structure model' '_pdbx_struct_conn_angle.ptnr2_auth_seq_id'   
7  4 'Structure model' '_pdbx_struct_conn_angle.ptnr2_label_asym_id' 
8  4 'Structure model' '_pdbx_struct_conn_angle.ptnr3_auth_seq_id'   
9  4 'Structure model' '_pdbx_struct_conn_angle.ptnr3_label_seq_id'  
10 4 'Structure model' '_pdbx_struct_conn_angle.value'               
11 4 'Structure model' '_struct_conn.pdbx_dist_value'                
12 4 'Structure model' '_struct_conn.ptnr1_auth_comp_id'             
13 4 'Structure model' '_struct_conn.ptnr1_auth_seq_id'              
14 4 'Structure model' '_struct_conn.ptnr1_label_asym_id'            
15 4 'Structure model' '_struct_conn.ptnr1_label_atom_id'            
16 4 'Structure model' '_struct_conn.ptnr1_label_comp_id'            
17 4 'Structure model' '_struct_conn.ptnr1_label_seq_id'             
18 4 'Structure model' '_struct_conn.ptnr2_auth_comp_id'             
19 4 'Structure model' '_struct_conn.ptnr2_auth_seq_id'              
20 4 'Structure model' '_struct_conn.ptnr2_label_asym_id'            
21 4 'Structure model' '_struct_conn.ptnr2_label_atom_id'            
22 4 'Structure model' '_struct_conn.ptnr2_label_comp_id'            
23 4 'Structure model' '_struct_conn.ptnr2_label_seq_id'             
24 4 'Structure model' '_struct_site.pdbx_auth_asym_id'              
25 4 'Structure model' '_struct_site.pdbx_auth_comp_id'              
26 4 'Structure model' '_struct_site.pdbx_auth_seq_id'               
# 
_pdbx_database_status.status_code                     REL 
_pdbx_database_status.entry_id                        2MRT 
_pdbx_database_status.recvd_initial_deposition_date   1990-05-14 
_pdbx_database_status.deposit_site                    ? 
_pdbx_database_status.process_site                    BNL 
_pdbx_database_status.SG_entry                        . 
_pdbx_database_status.pdb_format_compatible           Y 
_pdbx_database_status.status_code_mr                  ? 
_pdbx_database_status.status_code_sf                  ? 
_pdbx_database_status.status_code_cs                  ? 
_pdbx_database_status.status_code_nmr_data            ? 
_pdbx_database_status.methods_development_category    ? 
# 
loop_
_audit_author.name 
_audit_author.pdbx_ordinal 
'Braun, W.'       1 
'Schultze, P.'    2 
'Woergoetter, E.' 3 
'Wagner, G.'      4 
'Vasak, M.'       5 
'Kaegi, J.H.R.'   6 
'Wuthrich, K.'    7 
# 
loop_
_citation.id 
_citation.title 
_citation.journal_abbrev 
_citation.journal_volume 
_citation.page_first 
_citation.page_last 
_citation.year 
_citation.journal_id_ASTM 
_citation.country 
_citation.journal_id_ISSN 
_citation.journal_id_CSD 
_citation.book_publisher 
_citation.pdbx_database_id_PubMed 
_citation.pdbx_database_id_DOI 
primary 
'Conformation of [Cd7]-metallothionein-2 from rat liver in aqueous solution determined by nuclear magnetic resonance spectroscopy.' 
J.Mol.Biol.    203 251 268 1988 JMOBAK UK 0022-2836 0070 ? 3184190 '10.1016/0022-2836(88)90106-4' 
1       
'Three-Dimensional Structure of Rabbit Liver Cd-7 Metallothionein-2A in Aqueous Solution Determined by Nuclear Magnetic Resonance.' 
J.Mol.Biol.    201 637 ?   1988 JMOBAK UK 0022-2836 0070 ? ?       ?                              
2       'Sequence-Specific 1H-NMR Assignments in Rat-Liver Metallothionein-2' Eur.J.Biochem. 167 457 ?   1987 EJBCAI IX 0014-2956 
0262 ? ?       ?                              
3       
;Metal Co-Ordination in Rat Liver Metallothionein-2 Prepared with or without Reconstitution of the Metal Clusters, and Comparison with Rabbit Liver Metallothionein-2.
;
J.Mol.Biol.    196 711 ?   1987 JMOBAK UK 0022-2836 0070 ? ?       ?                              
# 
loop_
_citation_author.citation_id 
_citation_author.name 
_citation_author.ordinal 
_citation_author.identifier_ORCID 
primary 'Schultze, P.'    1  ? 
primary 'Worgotter, E.'   2  ? 
primary 'Braun, W.'       3  ? 
primary 'Wagner, G.'      4  ? 
primary 'Vasak, M.'       5  ? 
primary 'Kagi, J.H.'      6  ? 
primary 'Wuthrich, K.'    7  ? 
1       'Arseniev, A.'    8  ? 
1       'Schultze, P.'    9  ? 
1       'Woergoetter, E.' 10 ? 
1       'Braun, W.'       11 ? 
1       'Wagner, G.'      12 ? 
1       'Vasak, M.'       13 ? 
1       'Kaegi, J.H.R.'   14 ? 
1       'Wuthrich, K.'    15 ? 
2       'Woergoetter, E.' 16 ? 
2       'Wagner, G.'      17 ? 
2       'Vasak, M.'       18 ? 
2       'Kaegi, J.H.R.'   19 ? 
2       'Wuthrich, K.'    20 ? 
3       'Vasak, M.'       21 ? 
3       'Woergoetter, E.' 22 ? 
3       'Wagner, G.'      23 ? 
3       'Kaegi, J.H.R.'   24 ? 
3       'Wuthrich, K.'    25 ? 
# 
loop_
_entity.id 
_entity.type 
_entity.src_method 
_entity.pdbx_description 
_entity.formula_weight 
_entity.pdbx_number_of_molecules 
_entity.pdbx_ec 
_entity.pdbx_mutation 
_entity.pdbx_fragment 
_entity.details 
1 polymer     man 'CD7 METALLOTHIONEIN-2' 3057.594 1 ? ? ? ? 
2 non-polymer syn 'CADMIUM ION'           112.411  3 ? ? ? ? 
# 
_entity_poly.entity_id                      1 
_entity_poly.type                           'polypeptide(L)' 
_entity_poly.nstd_linkage                   no 
_entity_poly.nstd_monomer                   no 
_entity_poly.pdbx_seq_one_letter_code       MDPNCSCATDGSCSCAGSCKCKQCKCTSCK 
_entity_poly.pdbx_seq_one_letter_code_can   MDPNCSCATDGSCSCAGSCKCKQCKCTSCK 
_entity_poly.pdbx_strand_id                 A 
_entity_poly.pdbx_target_identifier         ? 
# 
_pdbx_entity_nonpoly.entity_id   2 
_pdbx_entity_nonpoly.name        'CADMIUM ION' 
_pdbx_entity_nonpoly.comp_id     CD 
# 
loop_
_entity_poly_seq.entity_id 
_entity_poly_seq.num 
_entity_poly_seq.mon_id 
_entity_poly_seq.hetero 
1 1  MET n 
1 2  ASP n 
1 3  PRO n 
1 4  ASN n 
1 5  CYS n 
1 6  SER n 
1 7  CYS n 
1 8  ALA n 
1 9  THR n 
1 10 ASP n 
1 11 GLY n 
1 12 SER n 
1 13 CYS n 
1 14 SER n 
1 15 CYS n 
1 16 ALA n 
1 17 GLY n 
1 18 SER n 
1 19 CYS n 
1 20 LYS n 
1 21 CYS n 
1 22 LYS n 
1 23 GLN n 
1 24 CYS n 
1 25 LYS n 
1 26 CYS n 
1 27 THR n 
1 28 SER n 
1 29 CYS n 
1 30 LYS n 
# 
_entity_src_gen.entity_id                          1 
_entity_src_gen.pdbx_src_id                        1 
_entity_src_gen.pdbx_alt_source_flag               sample 
_entity_src_gen.pdbx_seq_type                      ? 
_entity_src_gen.pdbx_beg_seq_num                   ? 
_entity_src_gen.pdbx_end_seq_num                   ? 
_entity_src_gen.gene_src_common_name               'black rat' 
_entity_src_gen.gene_src_genus                     Rattus 
_entity_src_gen.pdbx_gene_src_gene                 ? 
_entity_src_gen.gene_src_species                   ? 
_entity_src_gen.gene_src_strain                    ? 
_entity_src_gen.gene_src_tissue                    ? 
_entity_src_gen.gene_src_tissue_fraction           ? 
_entity_src_gen.gene_src_details                   ? 
_entity_src_gen.pdbx_gene_src_fragment             ? 
_entity_src_gen.pdbx_gene_src_scientific_name      'Rattus rattus' 
_entity_src_gen.pdbx_gene_src_ncbi_taxonomy_id     10117 
_entity_src_gen.pdbx_gene_src_variant              ? 
_entity_src_gen.pdbx_gene_src_cell_line            ? 
_entity_src_gen.pdbx_gene_src_atcc                 ? 
_entity_src_gen.pdbx_gene_src_organ                ? 
_entity_src_gen.pdbx_gene_src_organelle            ? 
_entity_src_gen.pdbx_gene_src_cell                 ? 
_entity_src_gen.pdbx_gene_src_cellular_location    ? 
_entity_src_gen.host_org_common_name               ? 
_entity_src_gen.pdbx_host_org_scientific_name      ? 
_entity_src_gen.pdbx_host_org_ncbi_taxonomy_id     ? 
_entity_src_gen.host_org_genus                     ? 
_entity_src_gen.pdbx_host_org_gene                 ? 
_entity_src_gen.pdbx_host_org_organ                ? 
_entity_src_gen.host_org_species                   ? 
_entity_src_gen.pdbx_host_org_tissue               ? 
_entity_src_gen.pdbx_host_org_tissue_fraction      ? 
_entity_src_gen.pdbx_host_org_strain               ? 
_entity_src_gen.pdbx_host_org_variant              ? 
_entity_src_gen.pdbx_host_org_cell_line            ? 
_entity_src_gen.pdbx_host_org_atcc                 ? 
_entity_src_gen.pdbx_host_org_culture_collection   ? 
_entity_src_gen.pdbx_host_org_cell                 ? 
_entity_src_gen.pdbx_host_org_organelle            ? 
_entity_src_gen.pdbx_host_org_cellular_location    ? 
_entity_src_gen.pdbx_host_org_vector_type          ? 
_entity_src_gen.pdbx_host_org_vector               ? 
_entity_src_gen.host_org_details                   ? 
_entity_src_gen.expression_system_id               ? 
_entity_src_gen.plasmid_name                       ? 
_entity_src_gen.plasmid_details                    ? 
_entity_src_gen.pdbx_description                   ? 
# 
loop_
_chem_comp.id 
_chem_comp.type 
_chem_comp.mon_nstd_flag 
_chem_comp.name 
_chem_comp.pdbx_synonyms 
_chem_comp.formula 
_chem_comp.formula_weight 
ALA 'L-peptide linking' y ALANINE         ? 'C3 H7 N O2'     89.093  
ASN 'L-peptide linking' y ASPARAGINE      ? 'C4 H8 N2 O3'    132.118 
ASP 'L-peptide linking' y 'ASPARTIC ACID' ? 'C4 H7 N O4'     133.103 
CD  non-polymer         . 'CADMIUM ION'   ? 'Cd 2'           112.411 
CYS 'L-peptide linking' y CYSTEINE        ? 'C3 H7 N O2 S'   121.158 
GLN 'L-peptide linking' y GLUTAMINE       ? 'C5 H10 N2 O3'   146.144 
GLY 'peptide linking'   y GLYCINE         ? 'C2 H5 N O2'     75.067  
LYS 'L-peptide linking' y LYSINE          ? 'C6 H15 N2 O2 1' 147.195 
MET 'L-peptide linking' y METHIONINE      ? 'C5 H11 N O2 S'  149.211 
PRO 'L-peptide linking' y PROLINE         ? 'C5 H9 N O2'     115.130 
SER 'L-peptide linking' y SERINE          ? 'C3 H7 N O3'     105.093 
THR 'L-peptide linking' y THREONINE       ? 'C4 H9 N O3'     119.119 
# 
loop_
_pdbx_poly_seq_scheme.asym_id 
_pdbx_poly_seq_scheme.entity_id 
_pdbx_poly_seq_scheme.seq_id 
_pdbx_poly_seq_scheme.mon_id 
_pdbx_poly_seq_scheme.ndb_seq_num 
_pdbx_poly_seq_scheme.pdb_seq_num 
_pdbx_poly_seq_scheme.auth_seq_num 
_pdbx_poly_seq_scheme.pdb_mon_id 
_pdbx_poly_seq_scheme.auth_mon_id 
_pdbx_poly_seq_scheme.pdb_strand_id 
_pdbx_poly_seq_scheme.pdb_ins_code 
_pdbx_poly_seq_scheme.hetero 
A 1 1  MET 1  1  1  MET MET A . n 
A 1 2  ASP 2  2  2  ASP ASP A . n 
A 1 3  PRO 3  3  3  PRO PRO A . n 
A 1 4  ASN 4  4  4  ASN ASN A . n 
A 1 5  CYS 5  5  5  CYS CYS A . n 
A 1 6  SER 6  6  6  SER SER A . n 
A 1 7  CYS 7  7  7  CYS CYS A . n 
A 1 8  ALA 8  8  8  ALA ALA A . n 
A 1 9  THR 9  9  9  THR THR A . n 
A 1 10 ASP 10 10 10 ASP ASP A . n 
A 1 11 GLY 11 11 11 GLY GLY A . n 
A 1 12 SER 12 12 12 SER SER A . n 
A 1 13 CYS 13 13 13 CYS CYS A . n 
A 1 14 SER 14 14 14 SER SER A . n 
A 1 15 CYS 15 15 15 CYS CYS A . n 
A 1 16 ALA 16 16 16 ALA ALA A . n 
A 1 17 GLY 17 17 17 GLY GLY A . n 
A 1 18 SER 18 18 18 SER SER A . n 
A 1 19 CYS 19 19 19 CYS CYS A . n 
A 1 20 LYS 20 20 20 LYS LYS A . n 
A 1 21 CYS 21 21 21 CYS CYS A . n 
A 1 22 LYS 22 22 22 LYS LYS A . n 
A 1 23 GLN 23 23 23 GLN GLN A . n 
A 1 24 CYS 24 24 24 CYS CYS A . n 
A 1 25 LYS 25 25 25 LYS LYS A . n 
A 1 26 CYS 26 26 26 CYS CYS A . n 
A 1 27 THR 27 27 27 THR THR A . n 
A 1 28 SER 28 28 28 SER SER A . n 
A 1 29 CYS 29 29 29 CYS CYS A . n 
A 1 30 LYS 30 30 30 LYS LYS A . n 
# 
loop_
_pdbx_nonpoly_scheme.asym_id 
_pdbx_nonpoly_scheme.entity_id 
_pdbx_nonpoly_scheme.mon_id 
_pdbx_nonpoly_scheme.ndb_seq_num 
_pdbx_nonpoly_scheme.pdb_seq_num 
_pdbx_nonpoly_scheme.auth_seq_num 
_pdbx_nonpoly_scheme.pdb_mon_id 
_pdbx_nonpoly_scheme.auth_mon_id 
_pdbx_nonpoly_scheme.pdb_strand_id 
_pdbx_nonpoly_scheme.pdb_ins_code 
B 2 CD 1 102 102 CD CD A . 
C 2 CD 1 103 103 CD CD A . 
D 2 CD 1 104 104 CD CD A . 
# 
_cell.entry_id           2MRT 
_cell.length_a           1.000 
_cell.length_b           1.000 
_cell.length_c           1.000 
_cell.angle_alpha        90.00 
_cell.angle_beta         90.00 
_cell.angle_gamma        90.00 
_cell.Z_PDB              1 
_cell.pdbx_unique_axis   ? 
# 
_symmetry.entry_id                         2MRT 
_symmetry.space_group_name_H-M             'P 1' 
_symmetry.pdbx_full_space_group_name_H-M   ? 
_symmetry.cell_setting                     ? 
_symmetry.Int_Tables_number                1 
# 
_exptl.entry_id          2MRT 
_exptl.method            'SOLUTION NMR' 
_exptl.crystals_number   ? 
# 
_struct.entry_id                  2MRT 
_struct.title                     
'CONFORMATION OF CD-7 METALLOTHIONEIN-2 FROM RAT LIVER IN AQUEOUS SOLUTION DETERMINED BY NUCLEAR MAGNETIC RESONANCE SPECTROSCOPY' 
_struct.pdbx_model_details        ? 
_struct.pdbx_CASP_flag            ? 
_struct.pdbx_model_type_details   ? 
# 
_struct_keywords.entry_id        2MRT 
_struct_keywords.pdbx_keywords   METALLOTHIONEIN 
_struct_keywords.text            METALLOTHIONEIN 
# 
loop_
_struct_asym.id 
_struct_asym.pdbx_blank_PDB_chainid_flag 
_struct_asym.pdbx_modified 
_struct_asym.entity_id 
_struct_asym.details 
A Y N 1 ? 
B N N 2 ? 
C N N 2 ? 
D N N 2 ? 
# 
_struct_ref.id                         1 
_struct_ref.db_name                    UNP 
_struct_ref.db_code                    MT2_RAT 
_struct_ref.entity_id                  1 
_struct_ref.pdbx_db_accession          P04355 
_struct_ref.pdbx_align_begin           1 
_struct_ref.pdbx_seq_one_letter_code   MDPNCSCATDGSCSCAGSCKCKQCKCTSCKKSCCSCCPVGCAKCSQGCICKEASDKCSCCA 
_struct_ref.pdbx_db_isoform            ? 
# 
_struct_ref_seq.align_id                      1 
_struct_ref_seq.ref_id                        1 
_struct_ref_seq.pdbx_PDB_id_code              2MRT 
_struct_ref_seq.pdbx_strand_id                A 
_struct_ref_seq.seq_align_beg                 1 
_struct_ref_seq.pdbx_seq_align_beg_ins_code   ? 
_struct_ref_seq.seq_align_end                 30 
_struct_ref_seq.pdbx_seq_align_end_ins_code   ? 
_struct_ref_seq.pdbx_db_accession             P04355 
_struct_ref_seq.db_align_beg                  1 
_struct_ref_seq.pdbx_db_align_beg_ins_code    ? 
_struct_ref_seq.db_align_end                  30 
_struct_ref_seq.pdbx_db_align_end_ins_code    ? 
_struct_ref_seq.pdbx_auth_seq_align_beg       1 
_struct_ref_seq.pdbx_auth_seq_align_end       30 
# 
_pdbx_struct_assembly.id                   1 
_pdbx_struct_assembly.details              author_defined_assembly 
_pdbx_struct_assembly.method_details       ? 
_pdbx_struct_assembly.oligomeric_details   monomeric 
_pdbx_struct_assembly.oligomeric_count     1 
# 
_pdbx_struct_assembly_gen.assembly_id       1 
_pdbx_struct_assembly_gen.oper_expression   1 
_pdbx_struct_assembly_gen.asym_id_list      A,B,C,D 
# 
_pdbx_struct_oper_list.id                   1 
_pdbx_struct_oper_list.type                 'identity operation' 
_pdbx_struct_oper_list.name                 1_555 
_pdbx_struct_oper_list.symmetry_operation   x,y,z 
_pdbx_struct_oper_list.matrix[1][1]         1.0000000000 
_pdbx_struct_oper_list.matrix[1][2]         0.0000000000 
_pdbx_struct_oper_list.matrix[1][3]         0.0000000000 
_pdbx_struct_oper_list.vector[1]            0.0000000000 
_pdbx_struct_oper_list.matrix[2][1]         0.0000000000 
_pdbx_struct_oper_list.matrix[2][2]         1.0000000000 
_pdbx_struct_oper_list.matrix[2][3]         0.0000000000 
_pdbx_struct_oper_list.vector[2]            0.0000000000 
_pdbx_struct_oper_list.matrix[3][1]         0.0000000000 
_pdbx_struct_oper_list.matrix[3][2]         0.0000000000 
_pdbx_struct_oper_list.matrix[3][3]         1.0000000000 
_pdbx_struct_oper_list.vector[3]            0.0000000000 
# 
_struct_biol.id   1 
# 
_struct_conf.conf_type_id            HELX_P 
_struct_conf.id                      HELX_P1 
_struct_conf.pdbx_PDB_helix_id       1 
_struct_conf.beg_label_comp_id       CYS 
_struct_conf.beg_label_asym_id       A 
_struct_conf.beg_label_seq_id        26 
_struct_conf.pdbx_beg_PDB_ins_code   ? 
_struct_conf.end_label_comp_id       LYS 
_struct_conf.end_label_asym_id       A 
_struct_conf.end_label_seq_id        30 
_struct_conf.pdbx_end_PDB_ins_code   ? 
_struct_conf.beg_auth_comp_id        CYS 
_struct_conf.beg_auth_asym_id        A 
_struct_conf.beg_auth_seq_id         26 
_struct_conf.end_auth_comp_id        LYS 
_struct_conf.end_auth_asym_id        A 
_struct_conf.end_auth_seq_id         30 
_struct_conf.pdbx_PDB_helix_class    5 
_struct_conf.details                 ? 
_struct_conf.pdbx_PDB_helix_length   5 
# 
_struct_conf_type.id          HELX_P 
_struct_conf_type.criteria    ? 
_struct_conf_type.reference   ? 
# 
loop_
_struct_conn.id 
_struct_conn.conn_type_id 
_struct_conn.pdbx_leaving_atom_flag 
_struct_conn.pdbx_PDB_id 
_struct_conn.ptnr1_label_asym_id 
_struct_conn.ptnr1_label_comp_id 
_struct_conn.ptnr1_label_seq_id 
_struct_conn.ptnr1_label_atom_id 
_struct_conn.pdbx_ptnr1_label_alt_id 
_struct_conn.pdbx_ptnr1_PDB_ins_code 
_struct_conn.pdbx_ptnr1_standard_comp_id 
_struct_conn.ptnr1_symmetry 
_struct_conn.ptnr2_label_asym_id 
_struct_conn.ptnr2_label_comp_id 
_struct_conn.ptnr2_label_seq_id 
_struct_conn.ptnr2_label_atom_id 
_struct_conn.pdbx_ptnr2_label_alt_id 
_struct_conn.pdbx_ptnr2_PDB_ins_code 
_struct_conn.ptnr1_auth_asym_id 
_struct_conn.ptnr1_auth_comp_id 
_struct_conn.ptnr1_auth_seq_id 
_struct_conn.ptnr2_auth_asym_id 
_struct_conn.ptnr2_auth_comp_id 
_struct_conn.ptnr2_auth_seq_id 
_struct_conn.ptnr2_symmetry 
_struct_conn.pdbx_ptnr3_label_atom_id 
_struct_conn.pdbx_ptnr3_label_seq_id 
_struct_conn.pdbx_ptnr3_label_comp_id 
_struct_conn.pdbx_ptnr3_label_asym_id 
_struct_conn.pdbx_ptnr3_label_alt_id 
_struct_conn.pdbx_ptnr3_PDB_ins_code 
_struct_conn.details 
_struct_conn.pdbx_dist_value 
_struct_conn.pdbx_value_order 
_struct_conn.pdbx_role 
metalc1  metalc ? ? A CYS 5  SG ? ? ? 1_555 D CD . CD ? ? A CYS 5  A CD 104 1_555 ? ? ? ? ? ? ? 2.509 ? ? 
metalc2  metalc ? ? A CYS 7  SG ? ? ? 1_555 C CD . CD ? ? A CYS 7  A CD 103 1_555 ? ? ? ? ? ? ? 2.645 ? ? 
metalc3  metalc ? ? A CYS 7  SG ? ? ? 1_555 D CD . CD ? ? A CYS 7  A CD 104 1_555 ? ? ? ? ? ? ? 2.538 ? ? 
metalc4  metalc ? ? A CYS 13 SG ? ? ? 1_555 C CD . CD ? ? A CYS 13 A CD 103 1_555 ? ? ? ? ? ? ? 2.508 ? ? 
metalc5  metalc ? ? A CYS 15 SG ? ? ? 1_555 B CD . CD ? ? A CYS 15 A CD 102 1_555 ? ? ? ? ? ? ? 2.676 ? ? 
metalc6  metalc ? ? A CYS 15 SG ? ? ? 1_555 C CD . CD ? ? A CYS 15 A CD 103 1_555 ? ? ? ? ? ? ? 2.518 ? ? 
metalc7  metalc ? ? A CYS 19 SG ? ? ? 1_555 B CD . CD ? ? A CYS 19 A CD 102 1_555 ? ? ? ? ? ? ? 2.529 ? ? 
metalc8  metalc ? ? A CYS 21 SG ? ? ? 1_555 D CD . CD ? ? A CYS 21 A CD 104 1_555 ? ? ? ? ? ? ? 2.508 ? ? 
metalc9  metalc ? ? A CYS 24 SG ? ? ? 1_555 B CD . CD ? ? A CYS 24 A CD 102 1_555 ? ? ? ? ? ? ? 2.490 ? ? 
metalc10 metalc ? ? A CYS 24 SG ? ? ? 1_555 D CD . CD ? ? A CYS 24 A CD 104 1_555 ? ? ? ? ? ? ? 2.641 ? ? 
metalc11 metalc ? ? A CYS 26 SG ? ? ? 1_555 C CD . CD ? ? A CYS 26 A CD 103 1_555 ? ? ? ? ? ? ? 2.531 ? ? 
metalc12 metalc ? ? A CYS 29 SG ? ? ? 1_555 B CD . CD ? ? A CYS 29 A CD 102 1_555 ? ? ? ? ? ? ? 2.474 ? ? 
# 
_struct_conn_type.id          metalc 
_struct_conn_type.criteria    ? 
_struct_conn_type.reference   ? 
# 
loop_
_pdbx_struct_conn_angle.id 
_pdbx_struct_conn_angle.ptnr1_label_atom_id 
_pdbx_struct_conn_angle.ptnr1_label_alt_id 
_pdbx_struct_conn_angle.ptnr1_label_asym_id 
_pdbx_struct_conn_angle.ptnr1_label_comp_id 
_pdbx_struct_conn_angle.ptnr1_label_seq_id 
_pdbx_struct_conn_angle.ptnr1_auth_atom_id 
_pdbx_struct_conn_angle.ptnr1_auth_asym_id 
_pdbx_struct_conn_angle.ptnr1_auth_comp_id 
_pdbx_struct_conn_angle.ptnr1_auth_seq_id 
_pdbx_struct_conn_angle.ptnr1_PDB_ins_code 
_pdbx_struct_conn_angle.ptnr1_symmetry 
_pdbx_struct_conn_angle.ptnr2_label_atom_id 
_pdbx_struct_conn_angle.ptnr2_label_alt_id 
_pdbx_struct_conn_angle.ptnr2_label_asym_id 
_pdbx_struct_conn_angle.ptnr2_label_comp_id 
_pdbx_struct_conn_angle.ptnr2_label_seq_id 
_pdbx_struct_conn_angle.ptnr2_auth_atom_id 
_pdbx_struct_conn_angle.ptnr2_auth_asym_id 
_pdbx_struct_conn_angle.ptnr2_auth_comp_id 
_pdbx_struct_conn_angle.ptnr2_auth_seq_id 
_pdbx_struct_conn_angle.ptnr2_PDB_ins_code 
_pdbx_struct_conn_angle.ptnr2_symmetry 
_pdbx_struct_conn_angle.ptnr3_label_atom_id 
_pdbx_struct_conn_angle.ptnr3_label_alt_id 
_pdbx_struct_conn_angle.ptnr3_label_asym_id 
_pdbx_struct_conn_angle.ptnr3_label_comp_id 
_pdbx_struct_conn_angle.ptnr3_label_seq_id 
_pdbx_struct_conn_angle.ptnr3_auth_atom_id 
_pdbx_struct_conn_angle.ptnr3_auth_asym_id 
_pdbx_struct_conn_angle.ptnr3_auth_comp_id 
_pdbx_struct_conn_angle.ptnr3_auth_seq_id 
_pdbx_struct_conn_angle.ptnr3_PDB_ins_code 
_pdbx_struct_conn_angle.ptnr3_symmetry 
_pdbx_struct_conn_angle.value 
_pdbx_struct_conn_angle.value_esd 
1  SG ? A CYS 5  ? A CYS 5  ? 1_555 CD ? D CD . ? A CD 104 ? 1_555 SG ? A CYS 7  ? A CYS 7  ? 1_555 114.0 ? 
2  SG ? A CYS 5  ? A CYS 5  ? 1_555 CD ? D CD . ? A CD 104 ? 1_555 SG ? A CYS 21 ? A CYS 21 ? 1_555 115.9 ? 
3  SG ? A CYS 7  ? A CYS 7  ? 1_555 CD ? D CD . ? A CD 104 ? 1_555 SG ? A CYS 21 ? A CYS 21 ? 1_555 106.4 ? 
4  SG ? A CYS 5  ? A CYS 5  ? 1_555 CD ? D CD . ? A CD 104 ? 1_555 SG ? A CYS 24 ? A CYS 24 ? 1_555 106.0 ? 
5  SG ? A CYS 7  ? A CYS 7  ? 1_555 CD ? D CD . ? A CD 104 ? 1_555 SG ? A CYS 24 ? A CYS 24 ? 1_555 102.9 ? 
6  SG ? A CYS 21 ? A CYS 21 ? 1_555 CD ? D CD . ? A CD 104 ? 1_555 SG ? A CYS 24 ? A CYS 24 ? 1_555 111.0 ? 
7  SG ? A CYS 7  ? A CYS 7  ? 1_555 CD ? C CD . ? A CD 103 ? 1_555 SG ? A CYS 13 ? A CYS 13 ? 1_555 109.3 ? 
8  SG ? A CYS 7  ? A CYS 7  ? 1_555 CD ? C CD . ? A CD 103 ? 1_555 SG ? A CYS 15 ? A CYS 15 ? 1_555 106.5 ? 
9  SG ? A CYS 13 ? A CYS 13 ? 1_555 CD ? C CD . ? A CD 103 ? 1_555 SG ? A CYS 15 ? A CYS 15 ? 1_555 112.3 ? 
10 SG ? A CYS 7  ? A CYS 7  ? 1_555 CD ? C CD . ? A CD 103 ? 1_555 SG ? A CYS 26 ? A CYS 26 ? 1_555 103.9 ? 
11 SG ? A CYS 13 ? A CYS 13 ? 1_555 CD ? C CD . ? A CD 103 ? 1_555 SG ? A CYS 26 ? A CYS 26 ? 1_555 110.1 ? 
12 SG ? A CYS 15 ? A CYS 15 ? 1_555 CD ? C CD . ? A CD 103 ? 1_555 SG ? A CYS 26 ? A CYS 26 ? 1_555 114.3 ? 
13 SG ? A CYS 15 ? A CYS 15 ? 1_555 CD ? B CD . ? A CD 102 ? 1_555 SG ? A CYS 19 ? A CYS 19 ? 1_555 105.7 ? 
14 SG ? A CYS 15 ? A CYS 15 ? 1_555 CD ? B CD . ? A CD 102 ? 1_555 SG ? A CYS 24 ? A CYS 24 ? 1_555 101.6 ? 
15 SG ? A CYS 19 ? A CYS 19 ? 1_555 CD ? B CD . ? A CD 102 ? 1_555 SG ? A CYS 24 ? A CYS 24 ? 1_555 109.9 ? 
16 SG ? A CYS 15 ? A CYS 15 ? 1_555 CD ? B CD . ? A CD 102 ? 1_555 SG ? A CYS 29 ? A CYS 29 ? 1_555 110.2 ? 
17 SG ? A CYS 19 ? A CYS 19 ? 1_555 CD ? B CD . ? A CD 102 ? 1_555 SG ? A CYS 29 ? A CYS 29 ? 1_555 112.3 ? 
18 SG ? A CYS 24 ? A CYS 24 ? 1_555 CD ? B CD . ? A CD 102 ? 1_555 SG ? A CYS 29 ? A CYS 29 ? 1_555 116.2 ? 
# 
loop_
_struct_site.id 
_struct_site.pdbx_evidence_code 
_struct_site.pdbx_auth_asym_id 
_struct_site.pdbx_auth_comp_id 
_struct_site.pdbx_auth_seq_id 
_struct_site.pdbx_auth_ins_code 
_struct_site.pdbx_num_residues 
_struct_site.details 
CD2 Unknown  ? ?  ?   ? 4 ?                                   
CD3 Unknown  ? ?  ?   ? 4 ?                                   
CD4 Unknown  ? ?  ?   ? 4 ?                                   
AC1 Software A CD 102 ? 4 'BINDING SITE FOR RESIDUE CD A 102' 
AC2 Software A CD 103 ? 4 'BINDING SITE FOR RESIDUE CD A 103' 
AC3 Software A CD 104 ? 4 'BINDING SITE FOR RESIDUE CD A 104' 
# 
loop_
_struct_site_gen.id 
_struct_site_gen.site_id 
_struct_site_gen.pdbx_num_res 
_struct_site_gen.label_comp_id 
_struct_site_gen.label_asym_id 
_struct_site_gen.label_seq_id 
_struct_site_gen.pdbx_auth_ins_code 
_struct_site_gen.auth_comp_id 
_struct_site_gen.auth_asym_id 
_struct_site_gen.auth_seq_id 
_struct_site_gen.label_atom_id 
_struct_site_gen.label_alt_id 
_struct_site_gen.symmetry 
_struct_site_gen.details 
1  CD2 4 CYS A 15 ? CYS A 15 . ? 1_555 ? 
2  CD2 4 CYS A 19 ? CYS A 19 . ? 1_555 ? 
3  CD2 4 CYS A 24 ? CYS A 24 . ? 1_555 ? 
4  CD2 4 CYS A 29 ? CYS A 29 . ? 1_555 ? 
5  CD3 4 CYS A 7  ? CYS A 7  . ? 1_555 ? 
6  CD3 4 CYS A 13 ? CYS A 13 . ? 1_555 ? 
7  CD3 4 CYS A 15 ? CYS A 15 . ? 1_555 ? 
8  CD3 4 CYS A 26 ? CYS A 26 . ? 1_555 ? 
9  CD4 4 CYS A 5  ? CYS A 5  . ? 1_555 ? 
10 CD4 4 CYS A 7  ? CYS A 7  . ? 1_555 ? 
11 CD4 4 CYS A 21 ? CYS A 21 . ? 1_555 ? 
12 CD4 4 CYS A 24 ? CYS A 24 . ? 1_555 ? 
13 AC1 4 CYS A 15 ? CYS A 15 . ? 1_555 ? 
14 AC1 4 CYS A 19 ? CYS A 19 . ? 1_555 ? 
15 AC1 4 CYS A 24 ? CYS A 24 . ? 1_555 ? 
16 AC1 4 CYS A 29 ? CYS A 29 . ? 1_555 ? 
17 AC2 4 CYS A 7  ? CYS A 7  . ? 1_555 ? 
18 AC2 4 CYS A 13 ? CYS A 13 . ? 1_555 ? 
19 AC2 4 CYS A 15 ? CYS A 15 . ? 1_555 ? 
20 AC2 4 CYS A 26 ? CYS A 26 . ? 1_555 ? 
21 AC3 4 CYS A 5  ? CYS A 5  . ? 1_555 ? 
22 AC3 4 CYS A 7  ? CYS A 7  . ? 1_555 ? 
23 AC3 4 CYS A 21 ? CYS A 21 . ? 1_555 ? 
24 AC3 4 CYS A 24 ? CYS A 24 . ? 1_555 ? 
# 
loop_
_pdbx_validate_torsion.id 
_pdbx_validate_torsion.PDB_model_num 
_pdbx_validate_torsion.auth_comp_id 
_pdbx_validate_torsion.auth_asym_id 
_pdbx_validate_torsion.auth_seq_id 
_pdbx_validate_torsion.PDB_ins_code 
_pdbx_validate_torsion.label_alt_id 
_pdbx_validate_torsion.phi 
_pdbx_validate_torsion.psi 
1 1 PRO A 3  ? ? -74.97  -92.51  
2 1 SER A 14 ? ? 39.62   43.32   
3 1 CYS A 15 ? ? -63.66  -159.36 
4 1 ALA A 16 ? ? 74.07   152.89  
5 1 SER A 18 ? ? 162.32  44.53   
6 1 GLN A 23 ? ? -117.66 63.70   
7 1 CYS A 26 ? ? -96.98  51.71   
8 1 THR A 27 ? ? 63.13   -76.99  
9 1 SER A 28 ? ? -61.57  -77.34  
# 
_pdbx_nmr_ensemble.entry_id                             2MRT 
_pdbx_nmr_ensemble.conformers_calculated_total_number   ? 
_pdbx_nmr_ensemble.conformers_submitted_total_number    1 
_pdbx_nmr_ensemble.conformer_selection_criteria         ? 
# 
_pdbx_nmr_software.classification   refinement 
_pdbx_nmr_software.name             DISMAN 
_pdbx_nmr_software.version          ? 
_pdbx_nmr_software.authors          BRAUN,GO 
_pdbx_nmr_software.ordinal          1 
# 
loop_
_chem_comp_atom.comp_id 
_chem_comp_atom.atom_id 
_chem_comp_atom.type_symbol 
_chem_comp_atom.pdbx_aromatic_flag 
_chem_comp_atom.pdbx_stereo_config 
_chem_comp_atom.pdbx_ordinal 
ALA N    N  N N 1   
ALA CA   C  N S 2   
ALA C    C  N N 3   
ALA O    O  N N 4   
ALA CB   C  N N 5   
ALA OXT  O  N N 6   
ALA H    H  N N 7   
ALA H2   H  N N 8   
ALA HA   H  N N 9   
ALA HB1  H  N N 10  
ALA HB2  H  N N 11  
ALA HB3  H  N N 12  
ALA HXT  H  N N 13  
ASN N    N  N N 14  
ASN CA   C  N S 15  
ASN C    C  N N 16  
ASN O    O  N N 17  
ASN CB   C  N N 18  
ASN CG   C  N N 19  
ASN OD1  O  N N 20  
ASN ND2  N  N N 21  
ASN OXT  O  N N 22  
ASN H    H  N N 23  
ASN H2   H  N N 24  
ASN HA   H  N N 25  
ASN HB2  H  N N 26  
ASN HB3  H  N N 27  
ASN HD21 H  N N 28  
ASN HD22 H  N N 29  
ASN HXT  H  N N 30  
ASP N    N  N N 31  
ASP CA   C  N S 32  
ASP C    C  N N 33  
ASP O    O  N N 34  
ASP CB   C  N N 35  
ASP CG   C  N N 36  
ASP OD1  O  N N 37  
ASP OD2  O  N N 38  
ASP OXT  O  N N 39  
ASP H    H  N N 40  
ASP H2   H  N N 41  
ASP HA   H  N N 42  
ASP HB2  H  N N 43  
ASP HB3  H  N N 44  
ASP HD2  H  N N 45  
ASP HXT  H  N N 46  
CD  CD   CD N N 47  
CYS N    N  N N 48  
CYS CA   C  N R 49  
CYS C    C  N N 50  
CYS O    O  N N 51  
CYS CB   C  N N 52  
CYS SG   S  N N 53  
CYS OXT  O  N N 54  
CYS H    H  N N 55  
CYS H2   H  N N 56  
CYS HA   H  N N 57  
CYS HB2  H  N N 58  
CYS HB3  H  N N 59  
CYS HG   H  N N 60  
CYS HXT  H  N N 61  
GLN N    N  N N 62  
GLN CA   C  N S 63  
GLN C    C  N N 64  
GLN O    O  N N 65  
GLN CB   C  N N 66  
GLN CG   C  N N 67  
GLN CD   C  N N 68  
GLN OE1  O  N N 69  
GLN NE2  N  N N 70  
GLN OXT  O  N N 71  
GLN H    H  N N 72  
GLN H2   H  N N 73  
GLN HA   H  N N 74  
GLN HB2  H  N N 75  
GLN HB3  H  N N 76  
GLN HG2  H  N N 77  
GLN HG3  H  N N 78  
GLN HE21 H  N N 79  
GLN HE22 H  N N 80  
GLN HXT  H  N N 81  
GLY N    N  N N 82  
GLY CA   C  N N 83  
GLY C    C  N N 84  
GLY O    O  N N 85  
GLY OXT  O  N N 86  
GLY H    H  N N 87  
GLY H2   H  N N 88  
GLY HA2  H  N N 89  
GLY HA3  H  N N 90  
GLY HXT  H  N N 91  
LYS N    N  N N 92  
LYS CA   C  N S 93  
LYS C    C  N N 94  
LYS O    O  N N 95  
LYS CB   C  N N 96  
LYS CG   C  N N 97  
LYS CD   C  N N 98  
LYS CE   C  N N 99  
LYS NZ   N  N N 100 
LYS OXT  O  N N 101 
LYS H    H  N N 102 
LYS H2   H  N N 103 
LYS HA   H  N N 104 
LYS HB2  H  N N 105 
LYS HB3  H  N N 106 
LYS HG2  H  N N 107 
LYS HG3  H  N N 108 
LYS HD2  H  N N 109 
LYS HD3  H  N N 110 
LYS HE2  H  N N 111 
LYS HE3  H  N N 112 
LYS HZ1  H  N N 113 
LYS HZ2  H  N N 114 
LYS HZ3  H  N N 115 
LYS HXT  H  N N 116 
MET N    N  N N 117 
MET CA   C  N S 118 
MET C    C  N N 119 
MET O    O  N N 120 
MET CB   C  N N 121 
MET CG   C  N N 122 
MET SD   S  N N 123 
MET CE   C  N N 124 
MET OXT  O  N N 125 
MET H    H  N N 126 
MET H2   H  N N 127 
MET HA   H  N N 128 
MET HB2  H  N N 129 
MET HB3  H  N N 130 
MET HG2  H  N N 131 
MET HG3  H  N N 132 
MET HE1  H  N N 133 
MET HE2  H  N N 134 
MET HE3  H  N N 135 
MET HXT  H  N N 136 
PRO N    N  N N 137 
PRO CA   C  N S 138 
PRO C    C  N N 139 
PRO O    O  N N 140 
PRO CB   C  N N 141 
PRO CG   C  N N 142 
PRO CD   C  N N 143 
PRO OXT  O  N N 144 
PRO H    H  N N 145 
PRO HA   H  N N 146 
PRO HB2  H  N N 147 
PRO HB3  H  N N 148 
PRO HG2  H  N N 149 
PRO HG3  H  N N 150 
PRO HD2  H  N N 151 
PRO HD3  H  N N 152 
PRO HXT  H  N N 153 
SER N    N  N N 154 
SER CA   C  N S 155 
SER C    C  N N 156 
SER O    O  N N 157 
SER CB   C  N N 158 
SER OG   O  N N 159 
SER OXT  O  N N 160 
SER H    H  N N 161 
SER H2   H  N N 162 
SER HA   H  N N 163 
SER HB2  H  N N 164 
SER HB3  H  N N 165 
SER HG   H  N N 166 
SER HXT  H  N N 167 
THR N    N  N N 168 
THR CA   C  N S 169 
THR C    C  N N 170 
THR O    O  N N 171 
THR CB   C  N R 172 
THR OG1  O  N N 173 
THR CG2  C  N N 174 
THR OXT  O  N N 175 
THR H    H  N N 176 
THR H2   H  N N 177 
THR HA   H  N N 178 
THR HB   H  N N 179 
THR HG1  H  N N 180 
THR HG21 H  N N 181 
THR HG22 H  N N 182 
THR HG23 H  N N 183 
THR HXT  H  N N 184 
# 
loop_
_chem_comp_bond.comp_id 
_chem_comp_bond.atom_id_1 
_chem_comp_bond.atom_id_2 
_chem_comp_bond.value_order 
_chem_comp_bond.pdbx_aromatic_flag 
_chem_comp_bond.pdbx_stereo_config 
_chem_comp_bond.pdbx_ordinal 
ALA N   CA   sing N N 1   
ALA N   H    sing N N 2   
ALA N   H2   sing N N 3   
ALA CA  C    sing N N 4   
ALA CA  CB   sing N N 5   
ALA CA  HA   sing N N 6   
ALA C   O    doub N N 7   
ALA C   OXT  sing N N 8   
ALA CB  HB1  sing N N 9   
ALA CB  HB2  sing N N 10  
ALA CB  HB3  sing N N 11  
ALA OXT HXT  sing N N 12  
ASN N   CA   sing N N 13  
ASN N   H    sing N N 14  
ASN N   H2   sing N N 15  
ASN CA  C    sing N N 16  
ASN CA  CB   sing N N 17  
ASN CA  HA   sing N N 18  
ASN C   O    doub N N 19  
ASN C   OXT  sing N N 20  
ASN CB  CG   sing N N 21  
ASN CB  HB2  sing N N 22  
ASN CB  HB3  sing N N 23  
ASN CG  OD1  doub N N 24  
ASN CG  ND2  sing N N 25  
ASN ND2 HD21 sing N N 26  
ASN ND2 HD22 sing N N 27  
ASN OXT HXT  sing N N 28  
ASP N   CA   sing N N 29  
ASP N   H    sing N N 30  
ASP N   H2   sing N N 31  
ASP CA  C    sing N N 32  
ASP CA  CB   sing N N 33  
ASP CA  HA   sing N N 34  
ASP C   O    doub N N 35  
ASP C   OXT  sing N N 36  
ASP CB  CG   sing N N 37  
ASP CB  HB2  sing N N 38  
ASP CB  HB3  sing N N 39  
ASP CG  OD1  doub N N 40  
ASP CG  OD2  sing N N 41  
ASP OD2 HD2  sing N N 42  
ASP OXT HXT  sing N N 43  
CYS N   CA   sing N N 44  
CYS N   H    sing N N 45  
CYS N   H2   sing N N 46  
CYS CA  C    sing N N 47  
CYS CA  CB   sing N N 48  
CYS CA  HA   sing N N 49  
CYS C   O    doub N N 50  
CYS C   OXT  sing N N 51  
CYS CB  SG   sing N N 52  
CYS CB  HB2  sing N N 53  
CYS CB  HB3  sing N N 54  
CYS SG  HG   sing N N 55  
CYS OXT HXT  sing N N 56  
GLN N   CA   sing N N 57  
GLN N   H    sing N N 58  
GLN N   H2   sing N N 59  
GLN CA  C    sing N N 60  
GLN CA  CB   sing N N 61  
GLN CA  HA   sing N N 62  
GLN C   O    doub N N 63  
GLN C   OXT  sing N N 64  
GLN CB  CG   sing N N 65  
GLN CB  HB2  sing N N 66  
GLN CB  HB3  sing N N 67  
GLN CG  CD   sing N N 68  
GLN CG  HG2  sing N N 69  
GLN CG  HG3  sing N N 70  
GLN CD  OE1  doub N N 71  
GLN CD  NE2  sing N N 72  
GLN NE2 HE21 sing N N 73  
GLN NE2 HE22 sing N N 74  
GLN OXT HXT  sing N N 75  
GLY N   CA   sing N N 76  
GLY N   H    sing N N 77  
GLY N   H2   sing N N 78  
GLY CA  C    sing N N 79  
GLY CA  HA2  sing N N 80  
GLY CA  HA3  sing N N 81  
GLY C   O    doub N N 82  
GLY C   OXT  sing N N 83  
GLY OXT HXT  sing N N 84  
LYS N   CA   sing N N 85  
LYS N   H    sing N N 86  
LYS N   H2   sing N N 87  
LYS CA  C    sing N N 88  
LYS CA  CB   sing N N 89  
LYS CA  HA   sing N N 90  
LYS C   O    doub N N 91  
LYS C   OXT  sing N N 92  
LYS CB  CG   sing N N 93  
LYS CB  HB2  sing N N 94  
LYS CB  HB3  sing N N 95  
LYS CG  CD   sing N N 96  
LYS CG  HG2  sing N N 97  
LYS CG  HG3  sing N N 98  
LYS CD  CE   sing N N 99  
LYS CD  HD2  sing N N 100 
LYS CD  HD3  sing N N 101 
LYS CE  NZ   sing N N 102 
LYS CE  HE2  sing N N 103 
LYS CE  HE3  sing N N 104 
LYS NZ  HZ1  sing N N 105 
LYS NZ  HZ2  sing N N 106 
LYS NZ  HZ3  sing N N 107 
LYS OXT HXT  sing N N 108 
MET N   CA   sing N N 109 
MET N   H    sing N N 110 
MET N   H2   sing N N 111 
MET CA  C    sing N N 112 
MET CA  CB   sing N N 113 
MET CA  HA   sing N N 114 
MET C   O    doub N N 115 
MET C   OXT  sing N N 116 
MET CB  CG   sing N N 117 
MET CB  HB2  sing N N 118 
MET CB  HB3  sing N N 119 
MET CG  SD   sing N N 120 
MET CG  HG2  sing N N 121 
MET CG  HG3  sing N N 122 
MET SD  CE   sing N N 123 
MET CE  HE1  sing N N 124 
MET CE  HE2  sing N N 125 
MET CE  HE3  sing N N 126 
MET OXT HXT  sing N N 127 
PRO N   CA   sing N N 128 
PRO N   CD   sing N N 129 
PRO N   H    sing N N 130 
PRO CA  C    sing N N 131 
PRO CA  CB   sing N N 132 
PRO CA  HA   sing N N 133 
PRO C   O    doub N N 134 
PRO C   OXT  sing N N 135 
PRO CB  CG   sing N N 136 
PRO CB  HB2  sing N N 137 
PRO CB  HB3  sing N N 138 
PRO CG  CD   sing N N 139 
PRO CG  HG2  sing N N 140 
PRO CG  HG3  sing N N 141 
PRO CD  HD2  sing N N 142 
PRO CD  HD3  sing N N 143 
PRO OXT HXT  sing N N 144 
SER N   CA   sing N N 145 
SER N   H    sing N N 146 
SER N   H2   sing N N 147 
SER CA  C    sing N N 148 
SER CA  CB   sing N N 149 
SER CA  HA   sing N N 150 
SER C   O    doub N N 151 
SER C   OXT  sing N N 152 
SER CB  OG   sing N N 153 
SER CB  HB2  sing N N 154 
SER CB  HB3  sing N N 155 
SER OG  HG   sing N N 156 
SER OXT HXT  sing N N 157 
THR N   CA   sing N N 158 
THR N   H    sing N N 159 
THR N   H2   sing N N 160 
THR CA  C    sing N N 161 
THR CA  CB   sing N N 162 
THR CA  HA   sing N N 163 
THR C   O    doub N N 164 
THR C   OXT  sing N N 165 
THR CB  OG1  sing N N 166 
THR CB  CG2  sing N N 167 
THR CB  HB   sing N N 168 
THR OG1 HG1  sing N N 169 
THR CG2 HG21 sing N N 170 
THR CG2 HG22 sing N N 171 
THR CG2 HG23 sing N N 172 
THR OXT HXT  sing N N 173 
# 
_atom_sites.entry_id                    2MRT 
_atom_sites.fract_transf_matrix[1][1]   1.000000 
_atom_sites.fract_transf_matrix[1][2]   0.000000 
_atom_sites.fract_transf_matrix[1][3]   0.000000 
_atom_sites.fract_transf_matrix[2][1]   0.000000 
_atom_sites.fract_transf_matrix[2][2]   1.000000 
_atom_sites.fract_transf_matrix[2][3]   0.000000 
_atom_sites.fract_transf_matrix[3][1]   0.000000 
_atom_sites.fract_transf_matrix[3][2]   0.000000 
_atom_sites.fract_transf_matrix[3][3]   1.000000 
_atom_sites.fract_transf_vector[1]      0.00000 
_atom_sites.fract_transf_vector[2]      0.00000 
_atom_sites.fract_transf_vector[3]      0.00000 
# 
_atom_sites_footnote.id     1 
_atom_sites_footnote.text   
'THE THREE CADMIUM ATOMS AND THE NINE SULPHUR ATOMS TO WHICH THEY ARE BONDED FORM A CD3 S9 METAL CLUSTER.' 
# 
loop_
_atom_type.symbol 
C  
CD 
H  
N  
O  
S  
# 
loop_
_atom_site.group_PDB 
_atom_site.id 
_atom_site.type_symbol 
_atom_site.label_atom_id 
_atom_site.label_alt_id 
_atom_site.label_comp_id 
_atom_site.label_asym_id 
_atom_site.label_entity_id 
_atom_site.label_seq_id 
_atom_site.pdbx_PDB_ins_code 
_atom_site.Cartn_x 
_atom_site.Cartn_y 
_atom_site.Cartn_z 
_atom_site.occupancy 
_atom_site.B_iso_or_equiv 
_atom_site.pdbx_formal_charge 
_atom_site.auth_seq_id 
_atom_site.auth_comp_id 
_atom_site.auth_asym_id 
_atom_site.auth_atom_id 
_atom_site.pdbx_PDB_model_num 
ATOM   1   N  N   . MET A 1 1  ? -1.639 -11.712 -3.343  1.00 3.70 ? 1   MET A N   1 
ATOM   2   C  CA  . MET A 1 1  ? -1.823 -10.566 -2.470  1.00 3.84 ? 1   MET A CA  1 
ATOM   3   C  C   . MET A 1 1  ? -0.893 -10.645 -1.257  1.00 3.06 ? 1   MET A C   1 
ATOM   4   O  O   . MET A 1 1  ? -0.317 -11.695 -0.981  1.00 3.11 ? 1   MET A O   1 
ATOM   5   C  CB  . MET A 1 1  ? -3.277 -10.513 -1.996  1.00 4.64 ? 1   MET A CB  1 
ATOM   6   C  CG  . MET A 1 1  ? -3.903 -9.150  -2.297  1.00 6.13 ? 1   MET A CG  1 
ATOM   7   S  SD  . MET A 1 1  ? -4.449 -8.382  -0.781  1.00 7.44 ? 1   MET A SD  1 
ATOM   8   C  CE  . MET A 1 1  ? -5.166 -6.883  -1.434  1.00 9.10 ? 1   MET A CE  1 
ATOM   9   H  H   . MET A 1 1  ? -0.841 -12.253 -3.026  1.00 3.61 ? 1   MET A H   1 
ATOM   10  H  HA  . MET A 1 1  ? -1.570 -9.694  -3.074  1.00 4.83 ? 1   MET A HA  1 
ATOM   11  N  N   . ASP A 1 2  ? -0.777 -9.519  -0.567  1.00 3.03 ? 2   ASP A N   1 
ATOM   12  C  CA  . ASP A 1 2  ? 0.072  -9.447  0.610   1.00 2.58 ? 2   ASP A CA  1 
ATOM   13  C  C   . ASP A 1 2  ? -0.804 -9.392  1.864   1.00 1.76 ? 2   ASP A C   1 
ATOM   14  O  O   . ASP A 1 2  ? -1.985 -9.059  1.785   1.00 2.33 ? 2   ASP A O   1 
ATOM   15  C  CB  . ASP A 1 2  ? 0.942  -8.190  0.585   1.00 3.77 ? 2   ASP A CB  1 
ATOM   16  C  CG  . ASP A 1 2  ? 2.288  -8.320  1.299   1.00 4.47 ? 2   ASP A CG  1 
ATOM   17  O  OD1 . ASP A 1 2  ? 3.067  -9.236  0.832   1.00 5.25 ? 2   ASP A OD1 1 
ATOM   18  O  OD2 . ASP A 1 2  ? 2.579  -7.584  2.254   1.00 4.99 ? 2   ASP A OD2 1 
ATOM   19  H  H   . ASP A 1 2  ? -1.251 -8.669  -0.799  1.00 3.71 ? 2   ASP A H   1 
ATOM   20  H  HA  . ASP A 1 2  ? 0.690  -10.345 0.571   1.00 2.74 ? 2   ASP A HA  1 
ATOM   21  N  N   . PRO A 1 3  ? -0.175 -9.733  3.019   1.00 1.51 ? 3   PRO A N   1 
ATOM   22  C  CA  . PRO A 1 3  ? -0.883 -9.726  4.288   1.00 1.76 ? 3   PRO A CA  1 
ATOM   23  C  C   . PRO A 1 3  ? -1.100 -8.296  4.787   1.00 1.72 ? 3   PRO A C   1 
ATOM   24  O  O   . PRO A 1 3  ? -2.090 -7.655  4.436   1.00 3.23 ? 3   PRO A O   1 
ATOM   25  C  CB  . PRO A 1 3  ? -0.023 -10.557 5.224   1.00 2.75 ? 3   PRO A CB  1 
ATOM   26  C  CG  . PRO A 1 3  ? 1.356  -10.610 4.587   1.00 3.13 ? 3   PRO A CG  1 
ATOM   27  C  CD  . PRO A 1 3  ? 1.224  -10.133 3.150   1.00 2.47 ? 3   PRO A CD  1 
ATOM   28  H  HA  . PRO A 1 3  ? -1.876 -10.159 4.166   1.00 2.21 ? 3   PRO A HA  1 
ATOM   29  N  N   . ASN A 1 4  ? -0.157 -7.836  5.597   1.00 0.97 ? 4   ASN A N   1 
ATOM   30  C  CA  . ASN A 1 4  ? -0.233 -6.493  6.148   1.00 1.06 ? 4   ASN A CA  1 
ATOM   31  C  C   . ASN A 1 4  ? -0.706 -5.527  5.060   1.00 0.89 ? 4   ASN A C   1 
ATOM   32  O  O   . ASN A 1 4  ? -1.791 -4.955  5.162   1.00 1.45 ? 4   ASN A O   1 
ATOM   33  C  CB  . ASN A 1 4  ? 1.138  -6.021  6.636   1.00 1.70 ? 4   ASN A CB  1 
ATOM   34  C  CG  . ASN A 1 4  ? 1.480  -6.641  7.993   1.00 3.16 ? 4   ASN A CG  1 
ATOM   35  O  OD1 . ASN A 1 4  ? 0.671  -6.686  8.905   1.00 4.26 ? 4   ASN A OD1 1 
ATOM   36  N  ND2 . ASN A 1 4  ? 2.721  -7.113  8.073   1.00 4.06 ? 4   ASN A ND2 1 
ATOM   37  H  H   . ASN A 1 4  ? 0.644  -8.364  5.878   1.00 1.89 ? 4   ASN A H   1 
ATOM   38  H  HA  . ASN A 1 4  ? -0.936 -6.563  6.978   1.00 1.23 ? 4   ASN A HA  1 
ATOM   39  N  N   . CYS A 1 5  ? 0.130  -5.375  4.044   1.00 1.05 ? 5   CYS A N   1 
ATOM   40  C  CA  . CYS A 1 5  ? -0.190 -4.487  2.939   1.00 0.85 ? 5   CYS A CA  1 
ATOM   41  C  C   . CYS A 1 5  ? -1.179 -5.204  2.018   1.00 0.88 ? 5   CYS A C   1 
ATOM   42  O  O   . CYS A 1 5  ? -0.969 -6.361  1.656   1.00 1.01 ? 5   CYS A O   1 
ATOM   43  C  CB  . CYS A 1 5  ? 1.068  -4.040  2.190   1.00 0.69 ? 5   CYS A CB  1 
ATOM   44  S  SG  . CYS A 1 5  ? 0.782  -3.503  0.464   1.00 0.55 ? 5   CYS A SG  1 
ATOM   45  H  H   . CYS A 1 5  ? 1.010  -5.843  3.969   1.00 1.72 ? 5   CYS A H   1 
ATOM   46  H  HA  . CYS A 1 5  ? -0.642 -3.596  3.373   1.00 0.89 ? 5   CYS A HA  1 
ATOM   47  N  N   . SER A 1 6  ? -2.236 -4.488  1.664   1.00 0.84 ? 6   SER A N   1 
ATOM   48  C  CA  . SER A 1 6  ? -3.258 -5.041  0.791   1.00 0.90 ? 6   SER A CA  1 
ATOM   49  C  C   . SER A 1 6  ? -3.519 -4.090  -0.378  1.00 0.79 ? 6   SER A C   1 
ATOM   50  O  O   . SER A 1 6  ? -4.667 -3.883  -0.771  1.00 0.84 ? 6   SER A O   1 
ATOM   51  C  CB  . SER A 1 6  ? -4.554 -5.306  1.560   1.00 1.10 ? 6   SER A CB  1 
ATOM   52  O  OG  . SER A 1 6  ? -5.373 -4.143  1.643   1.00 1.04 ? 6   SER A OG  1 
ATOM   53  H  H   . SER A 1 6  ? -2.399 -3.547  1.963   1.00 0.84 ? 6   SER A H   1 
ATOM   54  H  HA  . SER A 1 6  ? -2.849 -5.985  0.432   1.00 0.93 ? 6   SER A HA  1 
ATOM   55  N  N   . CYS A 1 7  ? -2.436 -3.534  -0.900  1.00 0.67 ? 7   CYS A N   1 
ATOM   56  C  CA  . CYS A 1 7  ? -2.533 -2.609  -2.018  1.00 0.62 ? 7   CYS A CA  1 
ATOM   57  C  C   . CYS A 1 7  ? -2.557 -3.421  -3.313  1.00 0.72 ? 7   CYS A C   1 
ATOM   58  O  O   . CYS A 1 7  ? -1.833 -4.406  -3.446  1.00 0.75 ? 7   CYS A O   1 
ATOM   59  C  CB  . CYS A 1 7  ? -1.396 -1.585  -2.005  1.00 0.54 ? 7   CYS A CB  1 
ATOM   60  S  SG  . CYS A 1 7  ? -1.593 -0.233  -0.789  1.00 0.67 ? 7   CYS A SG  1 
ATOM   61  H  H   . CYS A 1 7  ? -1.506 -3.707  -0.576  1.00 0.66 ? 7   CYS A H   1 
ATOM   62  H  HA  . CYS A 1 7  ? -3.466 -2.059  -1.888  1.00 0.74 ? 7   CYS A HA  1 
ATOM   63  N  N   . ALA A 1 8  ? -3.397 -2.977  -4.237  1.00 0.91 ? 8   ALA A N   1 
ATOM   64  C  CA  . ALA A 1 8  ? -3.525 -3.651  -5.518  1.00 1.18 ? 8   ALA A CA  1 
ATOM   65  C  C   . ALA A 1 8  ? -2.270 -3.389  -6.354  1.00 1.17 ? 8   ALA A C   1 
ATOM   66  O  O   . ALA A 1 8  ? -1.356 -2.698  -5.909  1.00 1.64 ? 8   ALA A O   1 
ATOM   67  C  CB  . ALA A 1 8  ? -4.800 -3.179  -6.219  1.00 1.48 ? 8   ALA A CB  1 
ATOM   68  H  H   . ALA A 1 8  ? -3.982 -2.175  -4.121  1.00 0.94 ? 8   ALA A H   1 
ATOM   69  H  HA  . ALA A 1 8  ? -3.606 -4.720  -5.325  1.00 1.34 ? 8   ALA A HA  1 
ATOM   70  N  N   . THR A 1 9  ? -2.266 -3.956  -7.552  1.00 2.19 ? 9   THR A N   1 
ATOM   71  C  CA  . THR A 1 9  ? -1.139 -3.793  -8.454  1.00 2.56 ? 9   THR A CA  1 
ATOM   72  C  C   . THR A 1 9  ? -1.557 -2.997  -9.691  1.00 3.00 ? 9   THR A C   1 
ATOM   73  O  O   . THR A 1 9  ? -0.775 -2.843  -10.628 1.00 3.55 ? 9   THR A O   1 
ATOM   74  C  CB  . THR A 1 9  ? -0.591 -5.184  -8.782  1.00 2.96 ? 9   THR A CB  1 
ATOM   75  O  OG1 . THR A 1 9  ? 0.113  -5.567  -7.604  1.00 3.46 ? 9   THR A OG1 1 
ATOM   76  C  CG2 . THR A 1 9  ? 0.486  -5.147  -9.866  1.00 3.07 ? 9   THR A CG2 1 
ATOM   77  H  H   . THR A 1 9  ? -3.014 -4.518  -7.907  1.00 3.14 ? 9   THR A H   1 
ATOM   78  H  HA  . THR A 1 9  ? -0.372 -3.212  -7.943  1.00 2.45 ? 9   THR A HA  1 
ATOM   79  H  HB  . THR A 1 9  ? -1.398 -5.865  -9.057  1.00 3.79 ? 9   THR A HB  1 
ATOM   80  N  N   . ASP A 1 10 ? -2.790 -2.512  -9.655  1.00 2.97 ? 10  ASP A N   1 
ATOM   81  C  CA  . ASP A 1 10 ? -3.321 -1.735  -10.762 1.00 3.52 ? 10  ASP A CA  1 
ATOM   82  C  C   . ASP A 1 10 ? -2.800 -0.300  -10.668 1.00 2.73 ? 10  ASP A C   1 
ATOM   83  O  O   . ASP A 1 10 ? -2.610 0.363   -11.687 1.00 3.63 ? 10  ASP A O   1 
ATOM   84  C  CB  . ASP A 1 10 ? -4.850 -1.688  -10.718 1.00 4.27 ? 10  ASP A CB  1 
ATOM   85  C  CG  . ASP A 1 10 ? -5.453 -1.560  -9.318  1.00 4.01 ? 10  ASP A CG  1 
ATOM   86  O  OD1 . ASP A 1 10 ? -4.897 -0.878  -8.443  1.00 3.63 ? 10  ASP A OD1 1 
ATOM   87  O  OD2 . ASP A 1 10 ? -6.554 -2.206  -9.138  1.00 5.13 ? 10  ASP A OD2 1 
ATOM   88  H  H   . ASP A 1 10 ? -3.420 -2.642  -8.889  1.00 2.76 ? 10  ASP A H   1 
ATOM   89  H  HA  . ASP A 1 10 ? -2.976 -2.245  -11.661 1.00 4.47 ? 10  ASP A HA  1 
ATOM   90  N  N   . GLY A 1 11 ? -2.585 0.138   -9.437  1.00 2.55 ? 11  GLY A N   1 
ATOM   91  C  CA  . GLY A 1 11 ? -2.091 1.483   -9.197  1.00 2.53 ? 11  GLY A CA  1 
ATOM   92  C  C   . GLY A 1 11 ? -3.201 2.389   -8.661  1.00 2.00 ? 11  GLY A C   1 
ATOM   93  O  O   . GLY A 1 11 ? -2.989 3.583   -8.455  1.00 2.70 ? 11  GLY A O   1 
ATOM   94  H  H   . GLY A 1 11 ? -2.742 -0.407  -8.614  1.00 3.52 ? 11  GLY A H   1 
ATOM   95  N  N   . SER A 1 12 ? -4.361 1.785   -8.448  1.00 2.10 ? 12  SER A N   1 
ATOM   96  C  CA  . SER A 1 12 ? -5.506 2.522   -7.940  1.00 2.45 ? 12  SER A CA  1 
ATOM   97  C  C   . SER A 1 12 ? -5.454 2.579   -6.411  1.00 1.83 ? 12  SER A C   1 
ATOM   98  O  O   . SER A 1 12 ? -6.391 3.057   -5.772  1.00 2.57 ? 12  SER A O   1 
ATOM   99  C  CB  . SER A 1 12 ? -6.819 1.888   -8.402  1.00 3.59 ? 12  SER A CB  1 
ATOM   100 O  OG  . SER A 1 12 ? -6.600 0.775   -9.264  1.00 4.35 ? 12  SER A OG  1 
ATOM   101 H  H   . SER A 1 12 ? -4.526 0.814   -8.617  1.00 2.80 ? 12  SER A H   1 
ATOM   102 H  HA  . SER A 1 12 ? -5.417 3.522   -8.363  1.00 2.97 ? 12  SER A HA  1 
ATOM   103 N  N   . CYS A 1 13 ? -4.349 2.088   -5.870  1.00 1.12 ? 13  CYS A N   1 
ATOM   104 C  CA  . CYS A 1 13 ? -4.164 2.077   -4.429  1.00 0.99 ? 13  CYS A CA  1 
ATOM   105 C  C   . CYS A 1 13 ? -4.064 3.526   -3.946  1.00 1.13 ? 13  CYS A C   1 
ATOM   106 O  O   . CYS A 1 13 ? -4.739 3.914   -2.995  1.00 1.79 ? 13  CYS A O   1 
ATOM   107 C  CB  . CYS A 1 13 ? -2.939 1.255   -4.023  1.00 1.11 ? 13  CYS A CB  1 
ATOM   108 S  SG  . CYS A 1 13 ? -1.333 2.093   -4.281  1.00 1.67 ? 13  CYS A SG  1 
ATOM   109 H  H   . CYS A 1 13 ? -3.593 1.701   -6.397  1.00 1.59 ? 13  CYS A H   1 
ATOM   110 H  HA  . CYS A 1 13 ? -5.039 1.586   -4.003  1.00 1.44 ? 13  CYS A HA  1 
ATOM   111 N  N   . SER A 1 14 ? -3.216 4.285   -4.626  1.00 1.71 ? 14  SER A N   1 
ATOM   112 C  CA  . SER A 1 14 ? -3.021 5.683   -4.279  1.00 2.10 ? 14  SER A CA  1 
ATOM   113 C  C   . SER A 1 14 ? -3.013 5.848   -2.758  1.00 1.70 ? 14  SER A C   1 
ATOM   114 O  O   . SER A 1 14 ? -3.622 6.776   -2.229  1.00 2.17 ? 14  SER A O   1 
ATOM   115 C  CB  . SER A 1 14 ? -4.105 6.563   -4.904  1.00 2.84 ? 14  SER A CB  1 
ATOM   116 O  OG  . SER A 1 14 ? -3.573 7.448   -5.885  1.00 4.23 ? 14  SER A OG  1 
ATOM   117 H  H   . SER A 1 14 ? -2.671 3.961   -5.399  1.00 2.41 ? 14  SER A H   1 
ATOM   118 H  HA  . SER A 1 14 ? -2.050 5.950   -4.697  1.00 2.34 ? 14  SER A HA  1 
ATOM   119 N  N   . CYS A 1 15 ? -2.318 4.933   -2.098  1.00 1.27 ? 15  CYS A N   1 
ATOM   120 C  CA  . CYS A 1 15 ? -2.225 4.966   -0.648  1.00 1.26 ? 15  CYS A CA  1 
ATOM   121 C  C   . CYS A 1 15 ? -1.499 6.250   -0.243  1.00 1.37 ? 15  CYS A C   1 
ATOM   122 O  O   . CYS A 1 15 ? -1.443 7.206   -1.016  1.00 2.01 ? 15  CYS A O   1 
ATOM   123 C  CB  . CYS A 1 15 ? -1.528 3.720   -0.099  1.00 1.41 ? 15  CYS A CB  1 
ATOM   124 S  SG  . CYS A 1 15 ? 0.199  3.494   -0.661  1.00 1.79 ? 15  CYS A SG  1 
ATOM   125 H  H   . CYS A 1 15 ? -1.826 4.181   -2.537  1.00 1.46 ? 15  CYS A H   1 
ATOM   126 H  HA  . CYS A 1 15 ? -3.245 4.961   -0.269  1.00 1.45 ? 15  CYS A HA  1 
ATOM   127 N  N   . ALA A 1 16 ? -0.963 6.232   0.968   1.00 2.26 ? 16  ALA A N   1 
ATOM   128 C  CA  . ALA A 1 16 ? -0.244 7.384   1.486   1.00 2.66 ? 16  ALA A CA  1 
ATOM   129 C  C   . ALA A 1 16 ? -1.245 8.480   1.859   1.00 2.01 ? 16  ALA A C   1 
ATOM   130 O  O   . ALA A 1 16 ? -2.334 8.551   1.290   1.00 3.10 ? 16  ALA A O   1 
ATOM   131 C  CB  . ALA A 1 16 ? 0.777  7.857   0.448   1.00 3.58 ? 16  ALA A CB  1 
ATOM   132 H  H   . ALA A 1 16 ? -1.014 5.451   1.591   1.00 3.21 ? 16  ALA A H   1 
ATOM   133 H  HA  . ALA A 1 16 ? 0.288  7.068   2.382   1.00 3.53 ? 16  ALA A HA  1 
ATOM   134 N  N   . GLY A 1 17 ? -0.841 9.305   2.814   1.00 1.97 ? 17  GLY A N   1 
ATOM   135 C  CA  . GLY A 1 17 ? -1.690 10.393  3.270   1.00 1.99 ? 17  GLY A CA  1 
ATOM   136 C  C   . GLY A 1 17 ? -2.887 9.860   4.059   1.00 2.21 ? 17  GLY A C   1 
ATOM   137 O  O   . GLY A 1 17 ? -3.786 10.620  4.417   1.00 3.55 ? 17  GLY A O   1 
ATOM   138 H  H   . GLY A 1 17 ? 0.045  9.240   3.271   1.00 3.05 ? 17  GLY A H   1 
ATOM   139 N  N   . SER A 1 18 ? -2.861 8.558   4.307   1.00 1.72 ? 18  SER A N   1 
ATOM   140 C  CA  . SER A 1 18 ? -3.934 7.915   5.046   1.00 2.13 ? 18  SER A CA  1 
ATOM   141 C  C   . SER A 1 18 ? -3.893 6.404   4.818   1.00 1.93 ? 18  SER A C   1 
ATOM   142 O  O   . SER A 1 18 ? -4.927 5.778   4.589   1.00 2.81 ? 18  SER A O   1 
ATOM   143 C  CB  . SER A 1 18 ? -5.297 8.478   4.639   1.00 2.78 ? 18  SER A CB  1 
ATOM   144 O  OG  . SER A 1 18 ? -6.369 7.654   5.090   1.00 3.26 ? 18  SER A OG  1 
ATOM   145 H  H   . SER A 1 18 ? -2.126 7.948   4.011   1.00 2.10 ? 18  SER A H   1 
ATOM   146 H  HA  . SER A 1 18 ? -3.743 8.150   6.093   1.00 2.45 ? 18  SER A HA  1 
ATOM   147 N  N   . CYS A 1 19 ? -2.687 5.858   4.889   1.00 1.42 ? 19  CYS A N   1 
ATOM   148 C  CA  . CYS A 1 19 ? -2.498 4.432   4.693   1.00 1.07 ? 19  CYS A CA  1 
ATOM   149 C  C   . CYS A 1 19 ? -2.505 3.753   6.064   1.00 0.91 ? 19  CYS A C   1 
ATOM   150 O  O   . CYS A 1 19 ? -1.933 4.273   7.022   1.00 1.64 ? 19  CYS A O   1 
ATOM   151 C  CB  . CYS A 1 19 ? -1.215 4.132   3.915   1.00 1.27 ? 19  CYS A CB  1 
ATOM   152 S  SG  . CYS A 1 19 ? -1.165 2.482   3.126   1.00 1.64 ? 19  CYS A SG  1 
ATOM   153 H  H   . CYS A 1 19 ? -1.851 6.374   5.076   1.00 1.91 ? 19  CYS A H   1 
ATOM   154 H  HA  . CYS A 1 19 ? -3.335 4.085   4.086   1.00 1.37 ? 19  CYS A HA  1 
ATOM   155 N  N   . LYS A 1 20 ? -3.159 2.602   6.117   1.00 0.93 ? 20  LYS A N   1 
ATOM   156 C  CA  . LYS A 1 20 ? -3.247 1.848   7.355   1.00 1.28 ? 20  LYS A CA  1 
ATOM   157 C  C   . LYS A 1 20 ? -2.500 0.522   7.195   1.00 1.27 ? 20  LYS A C   1 
ATOM   158 O  O   . LYS A 1 20 ? -2.640 -0.378  8.023   1.00 1.87 ? 20  LYS A O   1 
ATOM   159 C  CB  . LYS A 1 20 ? -4.708 1.681   7.778   1.00 1.83 ? 20  LYS A CB  1 
ATOM   160 C  CG  . LYS A 1 20 ? -4.829 0.734   8.974   1.00 3.67 ? 20  LYS A CG  1 
ATOM   161 C  CD  . LYS A 1 20 ? -4.325 1.402   10.255  1.00 5.11 ? 20  LYS A CD  1 
ATOM   162 C  CE  . LYS A 1 20 ? -4.840 2.838   10.365  1.00 5.96 ? 20  LYS A CE  1 
ATOM   163 N  NZ  . LYS A 1 20 ? -6.145 2.869   11.064  1.00 6.74 ? 20  LYS A NZ  1 
ATOM   164 H  H   . LYS A 1 20 ? -3.621 2.186   5.334   1.00 1.39 ? 20  LYS A H   1 
ATOM   165 H  HA  . LYS A 1 20 ? -2.752 2.432   8.131   1.00 1.41 ? 20  LYS A HA  1 
ATOM   166 N  N   . CYS A 1 21 ? -1.722 0.444   6.125   1.00 0.83 ? 21  CYS A N   1 
ATOM   167 C  CA  . CYS A 1 21 ? -0.952 -0.756  5.846   1.00 0.85 ? 21  CYS A CA  1 
ATOM   168 C  C   . CYS A 1 21 ? 0.164  -0.864  6.887   1.00 0.94 ? 21  CYS A C   1 
ATOM   169 O  O   . CYS A 1 21 ? 0.835  0.123   7.188   1.00 1.06 ? 21  CYS A O   1 
ATOM   170 C  CB  . CYS A 1 21 ? -0.402 -0.755  4.418   1.00 0.85 ? 21  CYS A CB  1 
ATOM   171 S  SG  . CYS A 1 21 ? -1.617 -1.217  3.129   1.00 0.78 ? 21  CYS A SG  1 
ATOM   172 H  H   . CYS A 1 21 ? -1.614 1.181   5.458   1.00 0.86 ? 21  CYS A H   1 
ATOM   173 H  HA  . CYS A 1 21 ? -1.641 -1.597  5.929   1.00 0.89 ? 21  CYS A HA  1 
ATOM   174 N  N   . LYS A 1 22 ? 0.329  -2.071  7.408   1.00 0.95 ? 22  LYS A N   1 
ATOM   175 C  CA  . LYS A 1 22 ? 1.353  -2.320  8.408   1.00 1.09 ? 22  LYS A CA  1 
ATOM   176 C  C   . LYS A 1 22 ? 2.716  -2.426  7.723   1.00 1.05 ? 22  LYS A C   1 
ATOM   177 O  O   . LYS A 1 22 ? 3.661  -1.736  8.101   1.00 1.32 ? 22  LYS A O   1 
ATOM   178 C  CB  . LYS A 1 22 ? 0.992  -3.545  9.251   1.00 1.21 ? 22  LYS A CB  1 
ATOM   179 C  CG  . LYS A 1 22 ? -0.226 -3.264  10.134  1.00 1.40 ? 22  LYS A CG  1 
ATOM   180 C  CD  . LYS A 1 22 ? -1.008 -4.549  10.416  1.00 2.38 ? 22  LYS A CD  1 
ATOM   181 C  CE  . LYS A 1 22 ? -2.127 -4.299  11.428  1.00 2.77 ? 22  LYS A CE  1 
ATOM   182 N  NZ  . LYS A 1 22 ? -3.038 -5.464  11.493  1.00 3.58 ? 22  LYS A NZ  1 
ATOM   183 H  H   . LYS A 1 22 ? -0.220 -2.868  7.157   1.00 0.93 ? 22  LYS A H   1 
ATOM   184 H  HA  . LYS A 1 22 ? 1.370  -1.462  9.080   1.00 1.24 ? 22  LYS A HA  1 
ATOM   185 N  N   . GLN A 1 23 ? 2.774  -3.297  6.725   1.00 0.90 ? 23  GLN A N   1 
ATOM   186 C  CA  . GLN A 1 23 ? 4.007  -3.502  5.983   1.00 1.03 ? 23  GLN A CA  1 
ATOM   187 C  C   . GLN A 1 23 ? 3.812  -3.117  4.514   1.00 1.08 ? 23  GLN A C   1 
ATOM   188 O  O   . GLN A 1 23 ? 3.913  -3.964  3.628   1.00 2.12 ? 23  GLN A O   1 
ATOM   189 C  CB  . GLN A 1 23 ? 4.490  -4.948  6.110   1.00 1.18 ? 23  GLN A CB  1 
ATOM   190 C  CG  . GLN A 1 23 ? 3.594  -5.898  5.314   1.00 2.54 ? 23  GLN A CG  1 
ATOM   191 C  CD  . GLN A 1 23 ? 4.147  -7.325  5.339   1.00 3.18 ? 23  GLN A CD  1 
ATOM   192 O  OE1 . GLN A 1 23 ? 5.280  -7.584  4.969   1.00 4.00 ? 23  GLN A OE1 1 
ATOM   193 N  NE2 . GLN A 1 23 ? 3.288  -8.230  5.794   1.00 3.75 ? 23  GLN A NE2 1 
ATOM   194 H  H   . GLN A 1 23 ? 2.002  -3.854  6.423   1.00 0.87 ? 23  GLN A H   1 
ATOM   195 H  HA  . GLN A 1 23 ? 4.738  -2.839  6.445   1.00 1.16 ? 23  GLN A HA  1 
ATOM   196 N  N   . CYS A 1 24 ? 3.537  -1.839  4.303   1.00 1.02 ? 24  CYS A N   1 
ATOM   197 C  CA  . CYS A 1 24 ? 3.327  -1.330  2.958   1.00 0.89 ? 24  CYS A CA  1 
ATOM   198 C  C   . CYS A 1 24 ? 4.681  -0.896  2.391   1.00 1.08 ? 24  CYS A C   1 
ATOM   199 O  O   . CYS A 1 24 ? 5.519  -0.362  3.116   1.00 1.28 ? 24  CYS A O   1 
ATOM   200 C  CB  . CYS A 1 24 ? 2.308  -0.191  2.936   1.00 0.64 ? 24  CYS A CB  1 
ATOM   201 S  SG  . CYS A 1 24 ? 1.842  0.391   1.264   1.00 0.61 ? 24  CYS A SG  1 
ATOM   202 H  H   . CYS A 1 24 ? 3.458  -1.155  5.029   1.00 1.87 ? 24  CYS A H   1 
ATOM   203 H  HA  . CYS A 1 24 ? 2.909  -2.151  2.375   1.00 0.97 ? 24  CYS A HA  1 
ATOM   204 N  N   . LYS A 1 25 ? 4.854  -1.145  1.101   1.00 1.18 ? 25  LYS A N   1 
ATOM   205 C  CA  . LYS A 1 25 ? 6.091  -0.787  0.430   1.00 1.45 ? 25  LYS A CA  1 
ATOM   206 C  C   . LYS A 1 25 ? 5.793  -0.444  -1.032  1.00 1.31 ? 25  LYS A C   1 
ATOM   207 O  O   . LYS A 1 25 ? 6.231  -1.150  -1.940  1.00 1.31 ? 25  LYS A O   1 
ATOM   208 C  CB  . LYS A 1 25 ? 7.135  -1.892  0.602   1.00 1.98 ? 25  LYS A CB  1 
ATOM   209 C  CG  . LYS A 1 25 ? 7.554  -2.027  2.067   1.00 3.29 ? 25  LYS A CG  1 
ATOM   210 C  CD  . LYS A 1 25 ? 8.973  -2.587  2.183   1.00 3.96 ? 25  LYS A CD  1 
ATOM   211 C  CE  . LYS A 1 25 ? 9.033  -4.035  1.695   1.00 4.09 ? 25  LYS A CE  1 
ATOM   212 N  NZ  . LYS A 1 25 ? 9.188  -4.081  0.223   1.00 4.19 ? 25  LYS A NZ  1 
ATOM   213 H  H   . LYS A 1 25 ? 4.167  -1.580  0.518   1.00 1.19 ? 25  LYS A H   1 
ATOM   214 H  HA  . LYS A 1 25 ? 6.483  0.105   0.919   1.00 1.56 ? 25  LYS A HA  1 
ATOM   215 N  N   . CYS A 1 26 ? 5.050  0.636   -1.214  1.00 1.64 ? 26  CYS A N   1 
ATOM   216 C  CA  . CYS A 1 26 ? 4.687  1.080   -2.550  1.00 1.63 ? 26  CYS A CA  1 
ATOM   217 C  C   . CYS A 1 26 ? 5.670  2.173   -2.975  1.00 1.73 ? 26  CYS A C   1 
ATOM   218 O  O   . CYS A 1 26 ? 5.258  3.252   -3.397  1.00 2.40 ? 26  CYS A O   1 
ATOM   219 C  CB  . CYS A 1 26 ? 3.237  1.560   -2.612  1.00 1.57 ? 26  CYS A CB  1 
ATOM   220 S  SG  . CYS A 1 26 ? 1.988  0.225   -2.685  1.00 1.62 ? 26  CYS A SG  1 
ATOM   221 H  H   . CYS A 1 26 ? 4.697  1.204   -0.470  1.00 2.07 ? 26  CYS A H   1 
ATOM   222 H  HA  . CYS A 1 26 ? 4.770  0.211   -3.201  1.00 1.72 ? 26  CYS A HA  1 
ATOM   223 N  N   . THR A 1 27 ? 6.950  1.855   -2.851  1.00 2.11 ? 27  THR A N   1 
ATOM   224 C  CA  . THR A 1 27 ? 7.994  2.796   -3.218  1.00 2.19 ? 27  THR A CA  1 
ATOM   225 C  C   . THR A 1 27 ? 7.926  4.041   -2.330  1.00 2.33 ? 27  THR A C   1 
ATOM   226 O  O   . THR A 1 27 ? 8.725  4.194   -1.408  1.00 3.81 ? 27  THR A O   1 
ATOM   227 C  CB  . THR A 1 27 ? 7.850  3.105   -4.709  1.00 2.34 ? 27  THR A CB  1 
ATOM   228 O  OG1 . THR A 1 27 ? 7.637  1.830   -5.308  1.00 2.99 ? 27  THR A OG1 1 
ATOM   229 C  CG2 . THR A 1 27 ? 9.157  3.598   -5.334  1.00 3.08 ? 27  THR A CG2 1 
ATOM   230 H  H   . THR A 1 27 ? 7.277  0.975   -2.506  1.00 2.86 ? 27  THR A H   1 
ATOM   231 H  HA  . THR A 1 27 ? 8.960  2.326   -3.035  1.00 2.39 ? 27  THR A HA  1 
ATOM   232 H  HB  . THR A 1 27 ? 7.043  3.816   -4.882  1.00 2.62 ? 27  THR A HB  1 
ATOM   233 N  N   . SER A 1 28 ? 6.963  4.898   -2.639  1.00 1.59 ? 28  SER A N   1 
ATOM   234 C  CA  . SER A 1 28 ? 6.781  6.124   -1.882  1.00 1.88 ? 28  SER A CA  1 
ATOM   235 C  C   . SER A 1 28 ? 6.456  5.793   -0.423  1.00 1.93 ? 28  SER A C   1 
ATOM   236 O  O   . SER A 1 28 ? 7.319  5.897   0.447   1.00 2.88 ? 28  SER A O   1 
ATOM   237 C  CB  . SER A 1 28 ? 5.674  6.987   -2.490  1.00 2.26 ? 28  SER A CB  1 
ATOM   238 O  OG  . SER A 1 28 ? 6.111  7.668   -3.663  1.00 2.82 ? 28  SER A OG  1 
ATOM   239 H  H   . SER A 1 28 ? 6.317  4.765   -3.391  1.00 2.06 ? 28  SER A H   1 
ATOM   240 H  HA  . SER A 1 28 ? 7.732  6.651   -1.952  1.00 2.07 ? 28  SER A HA  1 
ATOM   241 N  N   . CYS A 1 29 ? 5.210  5.405   -0.201  1.00 1.40 ? 29  CYS A N   1 
ATOM   242 C  CA  . CYS A 1 29 ? 4.760  5.059   1.137   1.00 1.31 ? 29  CYS A CA  1 
ATOM   243 C  C   . CYS A 1 29 ? 5.368  3.706   1.513   1.00 1.60 ? 29  CYS A C   1 
ATOM   244 O  O   . CYS A 1 29 ? 4.648  2.726   1.690   1.00 1.80 ? 29  CYS A O   1 
ATOM   245 C  CB  . CYS A 1 29 ? 3.233  5.045   1.235   1.00 1.35 ? 29  CYS A CB  1 
ATOM   246 S  SG  . CYS A 1 29 ? 2.569  4.266   2.752   1.00 0.98 ? 29  CYS A SG  1 
ATOM   247 H  H   . CYS A 1 29 ? 4.513  5.324   -0.915  1.00 1.69 ? 29  CYS A H   1 
ATOM   248 H  HA  . CYS A 1 29 ? 5.122  5.844   1.800   1.00 1.93 ? 29  CYS A HA  1 
ATOM   249 N  N   . LYS A 1 30 ? 6.689  3.697   1.625   1.00 2.39 ? 30  LYS A N   1 
ATOM   250 C  CA  . LYS A 1 30 ? 7.401  2.482   1.977   1.00 3.23 ? 30  LYS A CA  1 
ATOM   251 C  C   . LYS A 1 30 ? 8.252  2.737   3.224   1.00 4.04 ? 30  LYS A C   1 
ATOM   252 O  O   . LYS A 1 30 ? 7.655  2.766   4.321   1.00 4.87 ? 30  LYS A O   1 
ATOM   253 C  CB  . LYS A 1 30 ? 8.204  1.965   0.780   1.00 3.59 ? 30  LYS A CB  1 
ATOM   254 C  CG  . LYS A 1 30 ? 9.062  0.762   1.175   1.00 4.74 ? 30  LYS A CG  1 
ATOM   255 C  CD  . LYS A 1 30 ? 10.547 1.045   0.939   1.00 4.84 ? 30  LYS A CD  1 
ATOM   256 C  CE  . LYS A 1 30 ? 11.226 -0.133  0.239   1.00 6.08 ? 30  LYS A CE  1 
ATOM   257 N  NZ  . LYS A 1 30 ? 12.553 -0.397  0.837   1.00 6.95 ? 30  LYS A NZ  1 
ATOM   258 O  OXT . LYS A 1 30 ? 9.479  2.898   3.049   1.00 4.56 ? 30  LYS A OXT 1 
ATOM   259 H  H   . LYS A 1 30 ? 7.267  4.500   1.479   1.00 2.70 ? 30  LYS A H   1 
ATOM   260 H  HA  . LYS A 1 30 ? 6.657  1.723   2.217   1.00 3.30 ? 30  LYS A HA  1 
HETATM 261 CD CD  . CD  B 2 .  ? 0.960  2.665   1.767   1.00 0.60 ? 102 CD  A CD  1 
HETATM 262 CD CD  . CD  C 2 .  ? -0.136 1.498   -2.159  1.00 1.14 ? 103 CD  A CD  1 
HETATM 263 CD CD  . CD  D 2 .  ? -0.199 -1.272  1.060   1.00 0.52 ? 104 CD  A CD  1 
# 
